data_7ATV
#
_entry.id   7ATV
#
_cell.length_a   46.783
_cell.length_b   47.560
_cell.length_c   50.998
_cell.angle_alpha   66.804
_cell.angle_beta   88.959
_cell.angle_gamma   88.745
#
_symmetry.space_group_name_H-M   'P 1'
#
loop_
_entity.id
_entity.type
_entity.pdbx_description
1 polymer "Casein kinase II subunit alpha'"
2 non-polymer 1,2-ETHANEDIOL
3 non-polymer "~{N}'-[2-(3,4-dichlorophenyl)ethyl]-~{N}-[4-[4,5,6,7-tetrakis(bromanyl)benzimidazol-1-yl]butyl]butanediamide"
4 non-polymer 'CHLORIDE ION'
5 water water
#
_entity_poly.entity_id   1
_entity_poly.type   'polypeptide(L)'
_entity_poly.pdbx_seq_one_letter_code
;MGSSHHHHHHSQDPMPGPAAGSRARVYAEVNSLRSREYWDYEAHVPSWGNQDDYQLVRKLGRGKYSEVFEAINITNNERV
VVKILKPVKKKKIKREVKILENLRGGTNIIKLIDTVKDPVSKTPALVFEYINNTDFKQLYQILTDFDIRFYMYELLKALD
YCHSKGIMHRDVKPHNVMIDHQQKKLRLIDWGLAEFYHPAQEYNVRVASRYFKGPELLVDYQMYDYSLDMWSLGCMLASM
IFRREPFFHGQDNYDQLVRIAKVLGTEELYGYLKKYHIDLDPHFNDILGQHSRKRWENFIHSENRHLVSPEALDLLDKLL
RYDHQQRLTAKEAMEHPYFYPVVKEQSQPSADNAVLSSGLTAAR
;
_entity_poly.pdbx_strand_id   A
#
# COMPACT_ATOMS: atom_id res chain seq x y z
N GLY A 21 -19.58 -9.46 13.65
CA GLY A 21 -18.92 -8.60 12.69
C GLY A 21 -17.49 -9.01 12.41
N SER A 22 -16.90 -8.47 11.33
CA SER A 22 -15.62 -8.92 10.84
C SER A 22 -14.52 -8.33 11.73
N ARG A 23 -13.43 -9.08 11.85
N ARG A 23 -13.46 -9.11 11.95
CA ARG A 23 -12.28 -8.74 12.68
CA ARG A 23 -12.26 -8.64 12.63
C ARG A 23 -10.99 -9.21 12.02
C ARG A 23 -11.04 -9.10 11.84
N ALA A 24 -9.93 -8.40 12.05
CA ALA A 24 -8.62 -8.85 11.58
C ALA A 24 -8.24 -10.16 12.28
N ARG A 25 -7.57 -11.06 11.56
CA ARG A 25 -7.05 -12.30 12.15
C ARG A 25 -5.77 -12.07 12.93
N VAL A 26 -5.11 -10.96 12.72
CA VAL A 26 -3.86 -10.62 13.38
C VAL A 26 -3.95 -9.18 13.86
N TYR A 27 -3.22 -8.90 14.94
N TYR A 27 -3.22 -8.89 14.95
CA TYR A 27 -2.99 -7.53 15.38
CA TYR A 27 -3.06 -7.53 15.44
C TYR A 27 -4.31 -6.83 15.77
C TYR A 27 -4.40 -6.83 15.63
N ALA A 28 -5.35 -7.59 16.12
CA ALA A 28 -6.65 -7.00 16.35
C ALA A 28 -6.68 -6.20 17.62
N GLU A 29 -5.95 -6.60 18.63
CA GLU A 29 -6.07 -5.95 19.92
C GLU A 29 -4.89 -5.06 20.19
N VAL A 30 -4.00 -4.87 19.23
CA VAL A 30 -2.76 -4.31 19.66
C VAL A 30 -2.90 -2.82 20.05
N ASN A 31 -3.80 -2.04 19.43
CA ASN A 31 -3.96 -0.66 19.89
C ASN A 31 -4.59 -0.58 21.28
N SER A 32 -5.55 -1.45 21.54
CA SER A 32 -6.19 -1.44 22.87
C SER A 32 -5.24 -1.84 24.00
N LEU A 33 -4.21 -2.61 23.67
CA LEU A 33 -3.21 -3.02 24.65
C LEU A 33 -2.14 -1.97 24.89
N ARG A 34 -2.09 -0.93 24.06
CA ARG A 34 -1.12 0.16 24.20
C ARG A 34 -1.75 1.32 24.95
N SER A 35 -0.88 2.21 25.43
CA SER A 35 -1.33 3.47 25.99
C SER A 35 -2.24 4.20 25.01
N ARG A 36 -3.23 4.89 25.55
CA ARG A 36 -4.11 5.67 24.69
C ARG A 36 -3.32 6.67 23.84
N GLU A 37 -2.28 7.27 24.39
CA GLU A 37 -1.52 8.26 23.63
C GLU A 37 -0.94 7.68 22.34
N TYR A 38 -0.77 6.37 22.26
CA TYR A 38 -0.22 5.76 21.03
C TYR A 38 -1.14 6.00 19.84
N TRP A 39 -2.45 5.81 20.04
CA TRP A 39 -3.42 5.85 18.94
C TRP A 39 -4.31 7.09 18.93
N ASP A 40 -4.32 7.87 20.01
CA ASP A 40 -5.19 9.05 20.10
C ASP A 40 -4.47 10.23 19.45
N TYR A 41 -4.42 10.17 18.12
CA TYR A 41 -3.63 11.16 17.36
C TYR A 41 -4.17 12.57 17.51
N GLU A 42 -5.47 12.72 17.78
CA GLU A 42 -6.01 14.07 17.93
C GLU A 42 -5.36 14.79 19.11
N ALA A 43 -4.89 14.05 20.10
CA ALA A 43 -4.25 14.59 21.28
C ALA A 43 -2.75 14.76 21.10
N HIS A 44 -2.20 14.36 19.97
CA HIS A 44 -0.77 14.48 19.76
C HIS A 44 -0.38 15.92 19.48
N VAL A 45 0.73 16.33 20.09
CA VAL A 45 1.26 17.68 19.92
C VAL A 45 2.64 17.55 19.31
N PRO A 46 2.76 17.64 17.99
CA PRO A 46 4.09 17.57 17.38
C PRO A 46 4.97 18.72 17.84
N SER A 47 6.27 18.49 17.74
N SER A 47 6.27 18.48 17.77
CA SER A 47 7.27 19.53 17.94
CA SER A 47 7.25 19.53 17.93
C SER A 47 7.74 20.00 16.57
C SER A 47 7.69 19.99 16.56
N TRP A 48 7.42 21.24 16.23
CA TRP A 48 7.68 21.77 14.89
C TRP A 48 9.02 22.51 14.86
N GLY A 49 9.99 21.97 14.11
CA GLY A 49 11.28 22.59 13.90
C GLY A 49 11.21 23.64 12.80
N ASN A 50 12.37 24.17 12.44
N ASN A 50 12.39 24.10 12.40
CA ASN A 50 12.42 25.34 11.57
CA ASN A 50 12.55 25.28 11.56
C ASN A 50 12.76 24.93 10.14
C ASN A 50 12.78 24.87 10.11
N GLN A 51 11.80 25.15 9.23
CA GLN A 51 12.01 24.82 7.83
C GLN A 51 13.12 25.64 7.17
N ASP A 52 13.54 26.76 7.77
CA ASP A 52 14.60 27.58 7.17
C ASP A 52 15.92 26.86 7.06
N ASP A 53 16.10 25.71 7.73
CA ASP A 53 17.32 24.93 7.52
C ASP A 53 17.36 24.21 6.18
N TYR A 54 16.29 24.22 5.40
CA TYR A 54 16.19 23.43 4.19
C TYR A 54 16.10 24.34 2.97
N GLN A 55 16.84 23.99 1.92
CA GLN A 55 16.80 24.64 0.62
C GLN A 55 16.12 23.70 -0.35
N LEU A 56 14.99 24.14 -0.92
CA LEU A 56 14.29 23.35 -1.93
C LEU A 56 15.07 23.38 -3.24
N VAL A 57 15.26 22.22 -3.85
CA VAL A 57 16.05 22.07 -5.06
C VAL A 57 15.17 21.79 -6.29
N ARG A 58 14.23 20.85 -6.18
N ARG A 58 14.15 20.94 -6.17
CA ARG A 58 13.44 20.45 -7.34
CA ARG A 58 13.26 20.70 -7.30
C ARG A 58 12.15 19.81 -6.87
C ARG A 58 11.98 20.03 -6.86
N LYS A 59 11.08 20.14 -7.57
N LYS A 59 10.97 20.12 -7.71
CA LYS A 59 9.81 19.49 -7.34
CA LYS A 59 9.68 19.49 -7.47
C LYS A 59 9.89 18.04 -7.76
C LYS A 59 9.73 18.02 -7.87
N LEU A 60 9.29 17.16 -6.95
CA LEU A 60 9.19 15.72 -7.24
C LEU A 60 7.78 15.22 -7.45
N GLY A 61 6.76 15.90 -6.94
CA GLY A 61 5.39 15.46 -7.11
C GLY A 61 4.43 16.37 -6.38
N ARG A 62 3.13 16.10 -6.57
N ARG A 62 3.13 16.13 -6.61
CA ARG A 62 2.10 16.95 -5.97
CA ARG A 62 2.08 16.95 -6.04
C ARG A 62 0.78 16.19 -5.94
C ARG A 62 0.82 16.10 -5.90
N GLY A 63 0.07 16.35 -4.82
CA GLY A 63 -1.18 15.67 -4.60
C GLY A 63 -2.22 16.64 -4.11
N LYS A 64 -3.38 16.12 -3.72
CA LYS A 64 -4.49 16.99 -3.34
C LYS A 64 -4.15 17.83 -2.11
N TYR A 65 -3.34 17.30 -1.20
CA TYR A 65 -3.11 18.00 0.07
C TYR A 65 -1.63 18.26 0.32
N SER A 66 -0.77 18.17 -0.69
CA SER A 66 0.65 18.35 -0.44
C SER A 66 1.41 18.54 -1.75
N GLU A 67 2.65 18.99 -1.62
N GLU A 67 2.68 18.97 -1.62
CA GLU A 67 3.62 18.96 -2.70
CA GLU A 67 3.63 19.03 -2.71
C GLU A 67 4.94 18.52 -2.13
C GLU A 67 5.00 18.65 -2.19
N VAL A 68 5.73 17.86 -2.96
CA VAL A 68 6.95 17.20 -2.52
C VAL A 68 8.14 17.72 -3.31
N PHE A 69 9.21 18.05 -2.59
CA PHE A 69 10.43 18.61 -3.15
C PHE A 69 11.65 17.84 -2.66
N GLU A 70 12.63 17.66 -3.55
CA GLU A 70 13.98 17.32 -3.11
C GLU A 70 14.57 18.59 -2.51
N ALA A 71 15.34 18.43 -1.44
CA ALA A 71 15.88 19.57 -0.71
C ALA A 71 17.24 19.20 -0.12
N ILE A 72 17.96 20.21 0.35
N ILE A 72 17.97 20.23 0.30
CA ILE A 72 19.24 20.00 1.02
CA ILE A 72 19.22 20.10 1.03
C ILE A 72 19.20 20.74 2.36
C ILE A 72 19.01 20.71 2.41
N ASN A 73 19.52 20.03 3.45
CA ASN A 73 19.68 20.67 4.76
C ASN A 73 20.98 21.46 4.74
N ILE A 74 20.87 22.78 4.76
CA ILE A 74 22.02 23.64 4.58
C ILE A 74 22.98 23.60 5.75
N THR A 75 22.54 23.09 6.90
CA THR A 75 23.42 23.04 8.07
C THR A 75 24.38 21.86 8.01
N ASN A 76 24.07 20.82 7.24
CA ASN A 76 24.90 19.61 7.24
C ASN A 76 25.02 18.96 5.86
N ASN A 77 24.50 19.60 4.82
CA ASN A 77 24.59 19.18 3.42
C ASN A 77 23.82 17.89 3.14
N GLU A 78 22.92 17.47 4.01
N GLU A 78 22.90 17.48 3.99
CA GLU A 78 22.16 16.26 3.78
CA GLU A 78 22.19 16.23 3.80
C GLU A 78 21.07 16.50 2.74
C GLU A 78 21.00 16.40 2.86
N ARG A 79 20.95 15.58 1.80
CA ARG A 79 19.84 15.58 0.85
C ARG A 79 18.64 14.88 1.44
N VAL A 80 17.46 15.48 1.30
CA VAL A 80 16.24 15.04 1.93
C VAL A 80 15.09 15.27 0.95
N VAL A 81 13.89 14.86 1.37
CA VAL A 81 12.65 15.17 0.65
C VAL A 81 11.71 15.87 1.61
N VAL A 82 11.15 16.99 1.18
CA VAL A 82 10.23 17.81 1.98
C VAL A 82 8.84 17.74 1.38
N LYS A 83 7.86 17.33 2.18
CA LYS A 83 6.45 17.27 1.80
C LYS A 83 5.74 18.42 2.50
N ILE A 84 5.39 19.45 1.74
CA ILE A 84 4.75 20.64 2.28
C ILE A 84 3.25 20.38 2.29
N LEU A 85 2.63 20.53 3.46
CA LEU A 85 1.23 20.17 3.66
C LEU A 85 0.32 21.39 3.53
N LYS A 86 -0.83 21.18 2.94
CA LYS A 86 -1.90 22.18 3.06
C LYS A 86 -2.34 22.30 4.52
N PRO A 87 -2.18 23.46 5.18
CA PRO A 87 -2.28 23.50 6.65
C PRO A 87 -3.68 23.31 7.24
N VAL A 88 -4.75 23.45 6.46
CA VAL A 88 -6.09 23.47 7.07
C VAL A 88 -6.52 22.09 7.58
N LYS A 89 -5.87 21.02 7.12
CA LYS A 89 -6.27 19.66 7.48
C LYS A 89 -5.61 19.24 8.81
N LYS A 90 -5.95 19.97 9.88
CA LYS A 90 -5.18 19.83 11.13
C LYS A 90 -5.28 18.41 11.71
N LYS A 91 -6.47 17.83 11.73
CA LYS A 91 -6.62 16.48 12.28
C LYS A 91 -5.87 15.46 11.44
N LYS A 92 -5.97 15.61 10.11
CA LYS A 92 -5.29 14.71 9.19
C LYS A 92 -3.77 14.83 9.32
N ILE A 93 -3.28 16.05 9.61
CA ILE A 93 -1.86 16.24 9.79
C ILE A 93 -1.40 15.52 11.05
N LYS A 94 -2.13 15.70 12.16
CA LYS A 94 -1.77 14.98 13.38
C LYS A 94 -1.78 13.48 13.17
N ARG A 95 -2.76 12.98 12.40
CA ARG A 95 -2.83 11.54 12.16
C ARG A 95 -1.57 11.06 11.45
N GLU A 96 -1.21 11.70 10.33
CA GLU A 96 -0.05 11.28 9.57
C GLU A 96 1.22 11.38 10.41
N VAL A 97 1.38 12.49 11.13
CA VAL A 97 2.56 12.68 11.97
C VAL A 97 2.66 11.59 13.04
N LYS A 98 1.57 11.34 13.77
CA LYS A 98 1.64 10.35 14.84
C LYS A 98 1.91 8.96 14.28
N ILE A 99 1.28 8.62 13.15
CA ILE A 99 1.55 7.34 12.50
C ILE A 99 3.03 7.21 12.14
N LEU A 100 3.58 8.24 11.49
CA LEU A 100 4.99 8.17 11.11
C LEU A 100 5.89 8.05 12.32
N GLU A 101 5.56 8.75 13.40
CA GLU A 101 6.36 8.63 14.62
C GLU A 101 6.27 7.22 15.20
N ASN A 102 5.06 6.63 15.22
CA ASN A 102 4.90 5.27 15.72
C ASN A 102 5.65 4.25 14.89
N LEU A 103 5.85 4.54 13.60
CA LEU A 103 6.52 3.63 12.67
C LEU A 103 8.01 3.88 12.57
N ARG A 104 8.57 4.70 13.48
N ARG A 104 8.55 4.81 13.35
CA ARG A 104 10.00 5.05 13.48
CA ARG A 104 9.98 5.09 13.26
C ARG A 104 10.90 3.82 13.61
C ARG A 104 10.77 3.81 13.42
N GLY A 105 11.87 3.73 12.69
CA GLY A 105 12.67 2.54 12.68
C GLY A 105 12.05 1.30 12.05
N GLY A 106 10.80 1.34 11.56
CA GLY A 106 10.24 0.19 10.94
C GLY A 106 10.92 -0.12 9.64
N THR A 107 11.03 -1.41 9.37
CA THR A 107 11.76 -1.88 8.20
C THR A 107 11.07 -1.43 6.91
N ASN A 108 11.79 -0.67 6.10
CA ASN A 108 11.32 -0.29 4.79
C ASN A 108 10.16 0.68 4.81
N ILE A 109 9.90 1.31 5.95
CA ILE A 109 9.01 2.46 6.00
C ILE A 109 9.80 3.73 5.83
N ILE A 110 9.31 4.65 4.98
CA ILE A 110 10.07 5.90 4.82
C ILE A 110 10.33 6.54 6.18
N LYS A 111 11.57 7.02 6.36
N LYS A 111 11.59 6.96 6.37
CA LYS A 111 12.00 7.57 7.65
CA LYS A 111 12.00 7.60 7.62
C LYS A 111 11.70 9.06 7.73
C LYS A 111 11.57 9.06 7.63
N LEU A 112 10.81 9.42 8.68
CA LEU A 112 10.51 10.82 8.98
C LEU A 112 11.70 11.35 9.79
N ILE A 113 12.44 12.28 9.19
CA ILE A 113 13.56 12.96 9.84
C ILE A 113 13.08 14.04 10.78
N ASP A 114 12.11 14.84 10.36
CA ASP A 114 11.62 15.91 11.22
C ASP A 114 10.29 16.42 10.72
N THR A 115 9.61 17.11 11.63
CA THR A 115 8.39 17.84 11.39
C THR A 115 8.74 19.31 11.56
N VAL A 116 8.54 20.11 10.50
CA VAL A 116 9.00 21.50 10.50
C VAL A 116 7.88 22.44 10.06
N LYS A 117 8.05 23.72 10.39
CA LYS A 117 7.15 24.73 9.89
C LYS A 117 7.95 25.87 9.31
N ASP A 118 7.37 26.52 8.27
CA ASP A 118 7.80 27.87 7.91
C ASP A 118 7.59 28.70 9.19
N PRO A 119 8.63 29.32 9.75
CA PRO A 119 8.48 30.01 11.06
C PRO A 119 7.62 31.26 11.02
N VAL A 120 7.31 31.77 9.86
CA VAL A 120 6.44 32.94 9.72
C VAL A 120 5.00 32.53 9.40
N SER A 121 4.79 31.78 8.31
CA SER A 121 3.42 31.37 7.96
C SER A 121 2.88 30.26 8.85
N LYS A 122 3.76 29.49 9.48
CA LYS A 122 3.39 28.29 10.24
C LYS A 122 2.87 27.13 9.38
N THR A 123 3.01 27.20 8.04
CA THR A 123 2.64 26.05 7.20
C THR A 123 3.52 24.87 7.57
N PRO A 124 2.94 23.71 7.84
CA PRO A 124 3.74 22.56 8.25
C PRO A 124 4.25 21.75 7.07
N ALA A 125 5.33 21.05 7.33
CA ALA A 125 5.97 20.19 6.34
C ALA A 125 6.64 19.02 7.05
N LEU A 126 6.77 17.92 6.30
CA LEU A 126 7.43 16.71 6.76
C LEU A 126 8.72 16.51 5.99
N VAL A 127 9.79 16.21 6.72
CA VAL A 127 11.10 15.97 6.11
C VAL A 127 11.39 14.50 6.18
N PHE A 128 11.62 13.88 5.02
CA PHE A 128 11.88 12.47 4.87
C PHE A 128 13.30 12.23 4.37
N GLU A 129 13.80 11.05 4.68
CA GLU A 129 15.03 10.58 4.05
C GLU A 129 14.87 10.61 2.53
N TYR A 130 15.96 10.95 1.84
CA TYR A 130 16.02 10.86 0.41
C TYR A 130 16.19 9.42 -0.02
N ILE A 131 15.52 9.05 -1.11
CA ILE A 131 15.72 7.77 -1.79
C ILE A 131 15.87 8.07 -3.26
N ASN A 132 16.93 7.55 -3.86
N ASN A 132 16.76 7.34 -3.93
CA ASN A 132 17.23 7.83 -5.25
CA ASN A 132 16.82 7.31 -5.39
C ASN A 132 16.34 6.90 -6.05
C ASN A 132 15.62 6.55 -5.94
N ASN A 133 15.08 7.30 -6.19
N ASN A 133 14.75 7.24 -6.67
CA ASN A 133 14.04 6.47 -6.78
CA ASN A 133 13.52 6.66 -7.19
C ASN A 133 14.31 6.27 -8.27
C ASN A 133 13.81 6.19 -8.60
N THR A 134 14.29 4.97 -8.71
CA THR A 134 14.65 4.53 -10.06
C THR A 134 13.52 4.80 -11.02
N ASP A 135 13.87 5.39 -12.16
CA ASP A 135 12.93 5.65 -13.24
C ASP A 135 12.97 4.39 -14.09
N PHE A 136 12.00 3.50 -13.88
CA PHE A 136 11.88 2.35 -14.74
C PHE A 136 11.32 2.80 -16.09
N LYS A 137 12.15 2.75 -17.13
CA LYS A 137 11.82 3.32 -18.42
C LYS A 137 11.17 2.35 -19.39
N GLN A 138 11.10 1.07 -19.05
CA GLN A 138 10.60 0.04 -19.95
C GLN A 138 9.51 -0.77 -19.29
N LEU A 139 8.68 -0.12 -18.47
CA LEU A 139 7.53 -0.77 -17.82
C LEU A 139 7.98 -2.03 -17.08
N TYR A 140 9.11 -1.91 -16.38
CA TYR A 140 9.74 -2.89 -15.49
C TYR A 140 10.41 -4.05 -16.21
N GLN A 141 10.65 -3.94 -17.52
CA GLN A 141 11.32 -5.02 -18.25
C GLN A 141 12.65 -5.44 -17.63
N ILE A 142 13.33 -4.52 -16.96
CA ILE A 142 14.65 -4.85 -16.40
C ILE A 142 14.61 -5.73 -15.15
N LEU A 143 13.45 -5.87 -14.49
CA LEU A 143 13.40 -6.69 -13.28
C LEU A 143 13.26 -8.18 -13.63
N THR A 144 14.11 -9.01 -13.02
CA THR A 144 14.06 -10.46 -13.18
C THR A 144 13.01 -11.09 -12.23
N ASP A 145 12.76 -12.39 -12.39
CA ASP A 145 11.94 -13.15 -11.43
C ASP A 145 12.47 -12.94 -10.02
N PHE A 146 13.76 -13.14 -9.82
CA PHE A 146 14.32 -12.96 -8.49
C PHE A 146 14.13 -11.53 -8.00
N ASP A 147 14.32 -10.52 -8.86
CA ASP A 147 14.12 -9.14 -8.40
C ASP A 147 12.70 -8.93 -7.89
N ILE A 148 11.71 -9.46 -8.61
CA ILE A 148 10.32 -9.29 -8.19
C ILE A 148 10.10 -9.94 -6.82
N ARG A 149 10.60 -11.16 -6.64
CA ARG A 149 10.48 -11.81 -5.34
C ARG A 149 11.16 -10.96 -4.26
N PHE A 150 12.36 -10.46 -4.55
CA PHE A 150 13.14 -9.71 -3.58
C PHE A 150 12.40 -8.45 -3.16
N TYR A 151 11.93 -7.66 -4.12
CA TYR A 151 11.27 -6.40 -3.76
C TYR A 151 9.88 -6.63 -3.15
N MET A 152 9.14 -7.64 -3.62
CA MET A 152 7.88 -7.98 -2.93
C MET A 152 8.14 -8.34 -1.47
N TYR A 153 9.21 -9.09 -1.20
CA TYR A 153 9.53 -9.43 0.17
C TYR A 153 9.84 -8.18 0.99
N GLU A 154 10.61 -7.25 0.41
CA GLU A 154 10.90 -5.99 1.10
C GLU A 154 9.63 -5.21 1.39
N LEU A 155 8.70 -5.15 0.43
CA LEU A 155 7.44 -4.45 0.63
C LEU A 155 6.61 -5.12 1.73
N LEU A 156 6.57 -6.45 1.72
CA LEU A 156 5.86 -7.17 2.76
C LEU A 156 6.46 -6.90 4.13
N LYS A 157 7.77 -6.70 4.26
CA LYS A 157 8.33 -6.36 5.56
C LYS A 157 7.72 -5.06 6.07
N ALA A 158 7.55 -4.08 5.20
CA ALA A 158 6.96 -2.81 5.60
C ALA A 158 5.50 -2.99 6.05
N LEU A 159 4.73 -3.76 5.29
CA LEU A 159 3.32 -3.97 5.62
C LEU A 159 3.17 -4.78 6.91
N ASP A 160 3.94 -5.86 7.08
CA ASP A 160 3.86 -6.58 8.34
C ASP A 160 4.22 -5.65 9.49
N TYR A 161 5.22 -4.81 9.29
CA TYR A 161 5.61 -3.88 10.35
C TYR A 161 4.46 -2.94 10.70
N CYS A 162 3.91 -2.24 9.72
CA CYS A 162 2.85 -1.30 10.08
C CYS A 162 1.62 -1.98 10.64
N HIS A 163 1.24 -3.13 10.08
CA HIS A 163 0.10 -3.86 10.63
C HIS A 163 0.38 -4.24 12.09
N SER A 164 1.59 -4.68 12.38
CA SER A 164 1.97 -5.06 13.75
C SER A 164 1.93 -3.87 14.71
N LYS A 165 2.06 -2.67 14.16
CA LYS A 165 1.95 -1.41 14.86
C LYS A 165 0.53 -0.86 14.84
N GLY A 166 -0.44 -1.68 14.45
CA GLY A 166 -1.82 -1.29 14.54
C GLY A 166 -2.30 -0.32 13.49
N ILE A 167 -1.60 -0.27 12.35
CA ILE A 167 -1.83 0.74 11.30
C ILE A 167 -2.03 0.07 9.96
N MET A 168 -3.08 0.53 9.25
CA MET A 168 -3.36 0.17 7.87
C MET A 168 -2.88 1.32 6.98
N HIS A 169 -2.16 1.00 5.88
CA HIS A 169 -1.66 2.06 4.99
C HIS A 169 -2.78 2.67 4.16
N ARG A 170 -3.58 1.81 3.53
CA ARG A 170 -4.80 2.19 2.78
C ARG A 170 -4.50 2.89 1.46
N ASP A 171 -3.26 2.93 0.99
CA ASP A 171 -2.99 3.46 -0.36
C ASP A 171 -1.77 2.78 -0.96
N VAL A 172 -1.72 1.46 -0.84
CA VAL A 172 -0.61 0.70 -1.41
C VAL A 172 -0.80 0.65 -2.92
N LYS A 173 0.23 1.06 -3.66
CA LYS A 173 0.24 1.10 -5.13
C LYS A 173 1.66 1.39 -5.55
N PRO A 174 2.00 1.10 -6.82
CA PRO A 174 3.38 1.34 -7.28
C PRO A 174 3.88 2.76 -7.01
N HIS A 175 3.02 3.77 -7.20
CA HIS A 175 3.44 5.15 -6.98
C HIS A 175 4.01 5.36 -5.58
N ASN A 176 3.46 4.66 -4.59
CA ASN A 176 3.87 4.82 -3.20
C ASN A 176 4.94 3.85 -2.74
N VAL A 177 5.65 3.22 -3.67
CA VAL A 177 6.77 2.34 -3.33
C VAL A 177 8.02 2.88 -4.05
N MET A 178 8.94 3.42 -3.28
CA MET A 178 10.21 3.91 -3.86
C MET A 178 11.15 2.73 -3.92
N ILE A 179 11.80 2.53 -5.08
CA ILE A 179 12.86 1.54 -5.20
C ILE A 179 14.09 2.23 -5.78
N ASP A 180 15.19 2.16 -5.05
CA ASP A 180 16.51 2.52 -5.54
C ASP A 180 17.12 1.20 -6.01
N HIS A 181 17.06 0.97 -7.32
CA HIS A 181 17.54 -0.28 -7.88
C HIS A 181 19.06 -0.30 -7.99
N GLN A 182 19.76 0.81 -7.72
CA GLN A 182 21.21 0.80 -7.58
C GLN A 182 21.62 0.13 -6.30
N GLN A 183 21.06 0.60 -5.18
CA GLN A 183 21.40 0.14 -3.85
C GLN A 183 20.47 -0.93 -3.31
N LYS A 184 19.44 -1.32 -4.07
CA LYS A 184 18.48 -2.36 -3.69
C LYS A 184 17.74 -1.99 -2.41
N LYS A 185 17.23 -0.76 -2.37
CA LYS A 185 16.54 -0.17 -1.24
C LYS A 185 15.10 0.08 -1.64
N LEU A 186 14.18 -0.24 -0.74
CA LEU A 186 12.76 -0.04 -0.98
C LEU A 186 12.16 0.70 0.20
N ARG A 187 11.29 1.68 -0.06
CA ARG A 187 10.56 2.38 0.99
C ARG A 187 9.11 2.54 0.61
N LEU A 188 8.21 2.29 1.57
CA LEU A 188 6.79 2.57 1.45
C LEU A 188 6.54 3.99 1.97
N ILE A 189 6.02 4.84 1.07
CA ILE A 189 5.80 6.26 1.31
C ILE A 189 4.30 6.57 1.39
N ASP A 190 4.02 7.84 1.66
CA ASP A 190 2.70 8.46 1.66
C ASP A 190 1.71 7.81 2.58
N TRP A 191 1.89 8.12 3.87
CA TRP A 191 1.07 7.66 4.97
C TRP A 191 -0.09 8.61 5.24
N GLY A 192 -0.44 9.49 4.29
CA GLY A 192 -1.52 10.44 4.48
C GLY A 192 -2.92 9.86 4.50
N LEU A 193 -3.12 8.64 4.04
CA LEU A 193 -4.39 7.94 4.11
C LEU A 193 -4.39 6.86 5.20
N ALA A 194 -3.27 6.65 5.89
CA ALA A 194 -3.17 5.57 6.85
C ALA A 194 -4.05 5.84 8.07
N GLU A 195 -4.41 4.76 8.75
N GLU A 195 -4.51 4.75 8.68
CA GLU A 195 -5.34 4.87 9.86
CA GLU A 195 -5.34 4.83 9.89
C GLU A 195 -5.09 3.72 10.83
C GLU A 195 -4.92 3.78 10.89
N PHE A 196 -5.38 3.98 12.12
CA PHE A 196 -5.28 2.99 13.17
C PHE A 196 -6.45 2.01 13.06
N TYR A 197 -6.14 0.72 13.20
CA TYR A 197 -7.14 -0.34 13.22
C TYR A 197 -7.65 -0.58 14.64
N HIS A 198 -8.97 -0.49 14.79
CA HIS A 198 -9.67 -0.77 16.03
C HIS A 198 -10.80 -1.75 15.70
N PRO A 199 -10.88 -2.90 16.35
CA PRO A 199 -11.87 -3.89 15.95
C PRO A 199 -13.29 -3.36 16.03
N ALA A 200 -14.09 -3.70 15.01
CA ALA A 200 -15.48 -3.32 14.84
C ALA A 200 -15.65 -1.87 14.35
N GLN A 201 -14.58 -1.11 14.20
CA GLN A 201 -14.73 0.26 13.72
C GLN A 201 -15.11 0.26 12.25
N GLU A 202 -16.04 1.12 11.90
CA GLU A 202 -16.45 1.33 10.52
C GLU A 202 -15.66 2.49 9.92
N TYR A 203 -14.95 2.21 8.83
CA TYR A 203 -14.07 3.15 8.19
C TYR A 203 -14.68 3.66 6.90
N ASN A 204 -14.16 4.79 6.44
CA ASN A 204 -14.56 5.35 5.17
C ASN A 204 -14.03 4.47 4.04
N VAL A 205 -14.89 4.13 3.10
CA VAL A 205 -14.45 3.33 1.97
C VAL A 205 -13.78 4.15 0.88
N ARG A 206 -13.80 5.47 0.96
N ARG A 206 -13.74 5.48 1.00
CA ARG A 206 -13.12 6.33 -0.01
CA ARG A 206 -13.11 6.35 0.00
C ARG A 206 -11.64 6.42 0.38
C ARG A 206 -11.60 6.45 0.23
N VAL A 207 -10.94 5.31 0.16
CA VAL A 207 -9.51 5.19 0.38
C VAL A 207 -8.95 4.38 -0.77
N ALA A 208 -7.63 4.29 -0.78
CA ALA A 208 -6.85 3.61 -1.83
C ALA A 208 -7.09 4.29 -3.15
N SER A 209 -6.39 3.84 -4.16
CA SER A 209 -6.50 4.35 -5.51
C SER A 209 -7.24 3.32 -6.37
N ARG A 210 -8.06 3.75 -7.34
CA ARG A 210 -9.02 2.90 -8.05
C ARG A 210 -8.53 1.48 -8.30
N TYR A 211 -7.41 1.33 -9.01
CA TYR A 211 -7.01 0.01 -9.48
C TYR A 211 -6.63 -0.93 -8.36
N PHE A 212 -6.39 -0.39 -7.19
CA PHE A 212 -5.87 -1.11 -6.02
C PHE A 212 -6.91 -1.22 -4.91
N LYS A 213 -8.13 -0.76 -5.15
CA LYS A 213 -9.20 -0.84 -4.16
C LYS A 213 -9.67 -2.27 -4.03
N GLY A 214 -9.76 -2.76 -2.80
CA GLY A 214 -10.29 -4.08 -2.60
C GLY A 214 -11.80 -4.12 -2.81
N PRO A 215 -12.31 -5.32 -3.09
CA PRO A 215 -13.76 -5.46 -3.29
C PRO A 215 -14.55 -4.93 -2.13
N GLU A 216 -14.07 -5.05 -0.89
CA GLU A 216 -14.79 -4.52 0.26
C GLU A 216 -15.07 -3.04 0.09
N LEU A 217 -14.11 -2.27 -0.44
CA LEU A 217 -14.35 -0.84 -0.64
C LEU A 217 -15.41 -0.62 -1.70
N LEU A 218 -15.32 -1.40 -2.77
CA LEU A 218 -16.16 -1.21 -3.94
C LEU A 218 -17.60 -1.58 -3.67
N VAL A 219 -17.86 -2.44 -2.67
CA VAL A 219 -19.22 -2.81 -2.26
C VAL A 219 -19.66 -2.08 -1.02
N ASP A 220 -18.89 -1.07 -0.57
N ASP A 220 -18.93 -1.04 -0.60
CA ASP A 220 -19.28 -0.17 0.54
CA ASP A 220 -19.32 -0.20 0.53
C ASP A 220 -19.29 -0.89 1.89
C ASP A 220 -19.41 -1.01 1.83
N TYR A 221 -18.43 -1.88 2.04
CA TYR A 221 -18.28 -2.58 3.31
C TYR A 221 -17.24 -1.86 4.18
N GLN A 222 -17.73 -1.29 5.29
CA GLN A 222 -16.92 -0.37 6.08
C GLN A 222 -16.07 -1.06 7.15
N MET A 223 -16.36 -2.29 7.50
CA MET A 223 -15.69 -2.95 8.63
C MET A 223 -14.44 -3.71 8.18
N TYR A 224 -13.57 -3.01 7.44
CA TYR A 224 -12.39 -3.62 6.85
C TYR A 224 -11.18 -3.49 7.78
N ASP A 225 -10.05 -4.05 7.35
CA ASP A 225 -8.86 -4.10 8.24
C ASP A 225 -7.59 -4.12 7.39
N TYR A 226 -6.47 -4.50 8.01
CA TYR A 226 -5.16 -4.57 7.36
C TYR A 226 -5.21 -5.34 6.04
N SER A 227 -6.12 -6.31 5.94
CA SER A 227 -6.22 -7.14 4.74
C SER A 227 -6.54 -6.32 3.48
N LEU A 228 -7.05 -5.10 3.63
CA LEU A 228 -7.20 -4.22 2.46
C LEU A 228 -5.86 -4.03 1.75
N ASP A 229 -4.81 -3.81 2.54
CA ASP A 229 -3.47 -3.62 1.98
C ASP A 229 -2.96 -4.86 1.25
N MET A 230 -3.38 -6.03 1.71
CA MET A 230 -2.96 -7.27 1.08
C MET A 230 -3.64 -7.50 -0.26
N TRP A 231 -4.88 -7.03 -0.43
CA TRP A 231 -5.47 -6.96 -1.77
C TRP A 231 -4.61 -6.10 -2.69
N SER A 232 -4.29 -4.88 -2.25
CA SER A 232 -3.50 -3.98 -3.08
C SER A 232 -2.17 -4.60 -3.46
N LEU A 233 -1.51 -5.21 -2.48
N LEU A 233 -1.51 -5.26 -2.51
CA LEU A 233 -0.26 -5.95 -2.71
CA LEU A 233 -0.24 -5.89 -2.84
C LEU A 233 -0.48 -7.00 -3.81
C LEU A 233 -0.43 -7.05 -3.81
N GLY A 234 -1.53 -7.80 -3.67
CA GLY A 234 -1.84 -8.81 -4.67
C GLY A 234 -2.02 -8.22 -6.06
N CYS A 235 -2.67 -7.06 -6.17
CA CYS A 235 -2.81 -6.40 -7.46
C CYS A 235 -1.45 -6.09 -8.07
N MET A 236 -0.54 -5.60 -7.22
CA MET A 236 0.82 -5.31 -7.66
C MET A 236 1.53 -6.58 -8.09
N LEU A 237 1.39 -7.66 -7.33
CA LEU A 237 2.06 -8.91 -7.70
C LEU A 237 1.55 -9.41 -9.04
N ALA A 238 0.23 -9.36 -9.26
CA ALA A 238 -0.34 -9.80 -10.53
C ALA A 238 0.26 -8.98 -11.68
N SER A 239 0.34 -7.64 -11.51
N SER A 239 0.32 -7.65 -11.51
CA SER A 239 0.87 -6.83 -12.59
CA SER A 239 0.89 -6.85 -12.59
C SER A 239 2.35 -7.08 -12.85
C SER A 239 2.33 -7.19 -12.86
N MET A 240 3.12 -7.42 -11.81
CA MET A 240 4.54 -7.68 -11.99
C MET A 240 4.78 -9.02 -12.69
N ILE A 241 4.07 -10.08 -12.28
CA ILE A 241 4.34 -11.38 -12.89
C ILE A 241 3.68 -11.52 -14.25
N PHE A 242 2.55 -10.87 -14.47
CA PHE A 242 1.83 -11.03 -15.74
C PHE A 242 2.10 -9.91 -16.73
N ARG A 243 2.64 -8.77 -16.27
N ARG A 243 2.59 -8.76 -16.23
CA ARG A 243 2.91 -7.64 -17.16
CA ARG A 243 2.95 -7.58 -17.02
C ARG A 243 1.62 -7.11 -17.80
C ARG A 243 1.74 -6.81 -17.56
N ARG A 244 0.55 -7.09 -17.04
CA ARG A 244 -0.62 -6.28 -17.32
C ARG A 244 -0.75 -5.28 -16.17
N GLU A 245 -0.48 -4.01 -16.47
CA GLU A 245 -0.37 -2.97 -15.44
C GLU A 245 -1.23 -1.77 -15.83
N PRO A 246 -2.20 -1.38 -14.99
CA PRO A 246 -2.65 -2.12 -13.81
C PRO A 246 -3.34 -3.43 -14.21
N PHE A 247 -3.44 -4.35 -13.26
CA PHE A 247 -4.00 -5.66 -13.56
C PHE A 247 -5.51 -5.61 -13.77
N PHE A 248 -6.20 -4.90 -12.87
CA PHE A 248 -7.65 -4.70 -12.93
C PHE A 248 -7.90 -3.25 -13.30
N HIS A 249 -8.24 -2.98 -14.56
CA HIS A 249 -8.21 -1.62 -15.10
C HIS A 249 -9.62 -1.06 -15.21
N GLY A 250 -10.22 -0.75 -14.07
CA GLY A 250 -11.55 -0.17 -14.11
C GLY A 250 -11.57 1.22 -14.70
N GLN A 251 -12.68 1.53 -15.39
CA GLN A 251 -12.88 2.89 -15.87
C GLN A 251 -13.49 3.82 -14.82
N ASP A 252 -14.03 3.29 -13.75
CA ASP A 252 -14.64 4.03 -12.64
C ASP A 252 -14.79 3.00 -11.53
N ASN A 253 -15.31 3.41 -10.35
CA ASN A 253 -15.35 2.46 -9.25
C ASN A 253 -16.33 1.33 -9.51
N TYR A 254 -17.42 1.59 -10.25
CA TYR A 254 -18.33 0.52 -10.59
C TYR A 254 -17.64 -0.49 -11.48
N ASP A 255 -17.03 0.00 -12.58
CA ASP A 255 -16.35 -0.89 -13.49
C ASP A 255 -15.18 -1.62 -12.82
N GLN A 256 -14.57 -1.03 -11.79
CA GLN A 256 -13.48 -1.71 -11.11
C GLN A 256 -13.95 -3.04 -10.55
N LEU A 257 -15.13 -3.09 -9.95
CA LEU A 257 -15.63 -4.36 -9.42
C LEU A 257 -15.97 -5.33 -10.54
N VAL A 258 -16.49 -4.83 -11.66
CA VAL A 258 -16.74 -5.69 -12.80
C VAL A 258 -15.45 -6.34 -13.30
N ARG A 259 -14.37 -5.57 -13.38
CA ARG A 259 -13.10 -6.11 -13.84
C ARG A 259 -12.61 -7.21 -12.90
N ILE A 260 -12.78 -7.02 -11.60
CA ILE A 260 -12.44 -8.06 -10.64
C ILE A 260 -13.31 -9.30 -10.84
N ALA A 261 -14.63 -9.12 -10.98
CA ALA A 261 -15.55 -10.25 -11.09
C ALA A 261 -15.34 -11.05 -12.36
N LYS A 262 -14.82 -10.42 -13.41
CA LYS A 262 -14.49 -11.14 -14.62
C LYS A 262 -13.37 -12.14 -14.42
N VAL A 263 -12.56 -11.97 -13.38
CA VAL A 263 -11.49 -12.90 -13.05
C VAL A 263 -11.91 -13.83 -11.91
N LEU A 264 -12.40 -13.26 -10.80
N LEU A 264 -12.40 -13.29 -10.80
CA LEU A 264 -12.69 -14.02 -9.59
CA LEU A 264 -12.69 -14.13 -9.64
C LEU A 264 -14.08 -14.67 -9.60
C LEU A 264 -14.07 -14.78 -9.69
N GLY A 265 -14.98 -14.29 -10.52
CA GLY A 265 -16.28 -14.91 -10.69
C GLY A 265 -17.40 -14.15 -9.99
N THR A 266 -18.59 -14.19 -10.58
CA THR A 266 -19.78 -13.55 -10.02
C THR A 266 -20.44 -14.34 -8.90
N GLU A 267 -20.64 -15.65 -9.09
CA GLU A 267 -21.22 -16.43 -7.99
C GLU A 267 -20.35 -16.33 -6.75
N GLU A 268 -19.04 -16.29 -6.96
CA GLU A 268 -18.10 -16.18 -5.86
C GLU A 268 -18.23 -14.82 -5.15
N LEU A 269 -18.45 -13.76 -5.90
CA LEU A 269 -18.73 -12.45 -5.30
C LEU A 269 -19.99 -12.53 -4.43
N TYR A 270 -21.05 -13.15 -4.95
CA TYR A 270 -22.30 -13.18 -4.19
C TYR A 270 -22.17 -13.98 -2.90
N GLY A 271 -21.35 -15.04 -2.91
CA GLY A 271 -21.13 -15.77 -1.68
C GLY A 271 -20.41 -14.95 -0.63
N TYR A 272 -19.46 -14.10 -1.06
CA TYR A 272 -18.79 -13.17 -0.17
C TYR A 272 -19.80 -12.20 0.44
N LEU A 273 -20.61 -11.59 -0.41
CA LEU A 273 -21.62 -10.65 0.08
C LEU A 273 -22.54 -11.32 1.10
N LYS A 274 -22.95 -12.54 0.81
CA LYS A 274 -23.87 -13.23 1.71
C LYS A 274 -23.21 -13.50 3.06
N LYS A 275 -21.94 -13.90 3.05
CA LYS A 275 -21.26 -14.22 4.28
C LYS A 275 -21.25 -13.05 5.25
N TYR A 276 -21.00 -11.84 4.73
CA TYR A 276 -20.84 -10.65 5.54
C TYR A 276 -22.10 -9.78 5.56
N HIS A 277 -23.20 -10.26 4.99
CA HIS A 277 -24.47 -9.55 4.99
C HIS A 277 -24.35 -8.19 4.31
N ILE A 278 -23.62 -8.15 3.18
CA ILE A 278 -23.32 -6.90 2.50
C ILE A 278 -24.41 -6.59 1.50
N ASP A 279 -24.97 -5.39 1.60
CA ASP A 279 -25.91 -4.89 0.60
C ASP A 279 -25.16 -4.36 -0.63
N LEU A 280 -25.55 -4.82 -1.80
CA LEU A 280 -24.94 -4.41 -3.06
C LEU A 280 -25.76 -3.31 -3.74
N ASP A 281 -25.09 -2.23 -4.10
CA ASP A 281 -25.74 -1.14 -4.79
C ASP A 281 -26.38 -1.69 -6.06
N PRO A 282 -27.68 -1.45 -6.29
CA PRO A 282 -28.37 -2.15 -7.39
C PRO A 282 -27.89 -1.72 -8.76
N HIS A 283 -27.14 -0.64 -8.89
CA HIS A 283 -26.56 -0.33 -10.19
C HIS A 283 -25.66 -1.45 -10.68
N PHE A 284 -25.08 -2.23 -9.78
CA PHE A 284 -24.23 -3.33 -10.21
C PHE A 284 -24.99 -4.41 -10.98
N ASN A 285 -26.29 -4.57 -10.74
CA ASN A 285 -27.02 -5.64 -11.41
C ASN A 285 -27.00 -5.50 -12.94
N ASP A 286 -26.88 -4.28 -13.44
CA ASP A 286 -26.92 -4.01 -14.87
C ASP A 286 -25.57 -4.13 -15.55
N ILE A 287 -24.49 -4.31 -14.78
CA ILE A 287 -23.16 -4.30 -15.34
C ILE A 287 -22.31 -5.50 -14.97
N LEU A 288 -22.63 -6.26 -13.91
CA LEU A 288 -21.76 -7.37 -13.50
C LEU A 288 -21.78 -8.55 -14.48
N GLY A 289 -22.91 -8.78 -15.15
CA GLY A 289 -23.01 -9.95 -16.01
C GLY A 289 -22.89 -11.24 -15.22
N GLN A 290 -22.45 -12.31 -15.90
CA GLN A 290 -22.23 -13.61 -15.29
C GLN A 290 -20.86 -14.09 -15.73
N HIS A 291 -19.99 -14.39 -14.78
CA HIS A 291 -18.63 -14.75 -15.12
C HIS A 291 -18.17 -15.90 -14.26
N SER A 292 -17.61 -16.93 -14.90
N SER A 292 -17.56 -16.88 -14.91
CA SER A 292 -17.02 -18.01 -14.14
CA SER A 292 -16.87 -17.95 -14.22
C SER A 292 -15.64 -17.60 -13.66
C SER A 292 -15.61 -17.43 -13.55
N ARG A 293 -15.27 -18.07 -12.47
N ARG A 293 -15.15 -18.18 -12.56
CA ARG A 293 -13.90 -17.87 -12.02
CA ARG A 293 -13.87 -17.92 -11.95
C ARG A 293 -12.91 -18.38 -13.06
C ARG A 293 -12.76 -18.47 -12.84
N LYS A 294 -11.84 -17.62 -13.25
CA LYS A 294 -10.79 -17.96 -14.19
C LYS A 294 -9.59 -18.58 -13.50
N ARG A 295 -8.97 -19.52 -14.19
CA ARG A 295 -7.68 -20.04 -13.75
C ARG A 295 -6.58 -19.01 -13.97
N TRP A 296 -5.69 -18.84 -12.97
CA TRP A 296 -4.64 -17.83 -13.07
C TRP A 296 -3.69 -18.15 -14.22
N GLU A 297 -3.56 -19.42 -14.57
CA GLU A 297 -2.72 -19.77 -15.71
C GLU A 297 -3.19 -19.14 -17.02
N ASN A 298 -4.46 -18.70 -17.09
CA ASN A 298 -4.97 -18.06 -18.30
C ASN A 298 -4.22 -16.79 -18.66
N PHE A 299 -3.54 -16.18 -17.70
CA PHE A 299 -2.87 -14.92 -17.93
C PHE A 299 -1.44 -15.10 -18.40
N ILE A 300 -0.94 -16.32 -18.44
CA ILE A 300 0.43 -16.60 -18.88
C ILE A 300 0.51 -16.55 -20.41
N HIS A 301 1.55 -15.95 -20.96
N HIS A 301 1.53 -15.84 -20.91
CA HIS A 301 1.82 -16.12 -22.40
CA HIS A 301 1.89 -15.80 -22.31
C HIS A 301 3.32 -15.81 -22.62
C HIS A 301 3.42 -15.84 -22.43
N SER A 302 3.75 -15.79 -23.88
N SER A 302 3.89 -15.81 -23.68
CA SER A 302 5.18 -15.73 -24.14
CA SER A 302 5.31 -16.01 -23.94
C SER A 302 5.84 -14.50 -23.53
C SER A 302 6.17 -14.90 -23.34
N GLU A 303 5.10 -13.41 -23.30
N GLU A 303 5.65 -13.68 -23.26
CA GLU A 303 5.69 -12.17 -22.82
CA GLU A 303 6.42 -12.56 -22.74
C GLU A 303 5.94 -12.13 -21.30
C GLU A 303 6.33 -12.39 -21.24
N ASN A 304 5.42 -13.08 -20.53
CA ASN A 304 5.53 -13.09 -19.08
C ASN A 304 5.92 -14.44 -18.49
N ARG A 305 6.11 -15.49 -19.31
N ARG A 305 6.08 -15.48 -19.33
CA ARG A 305 6.24 -16.83 -18.76
CA ARG A 305 6.28 -16.84 -18.83
C ARG A 305 7.44 -16.99 -17.84
C ARG A 305 7.41 -16.92 -17.81
N HIS A 306 8.51 -16.22 -18.09
CA HIS A 306 9.71 -16.28 -17.27
C HIS A 306 9.52 -15.72 -15.87
N LEU A 307 8.42 -15.02 -15.60
CA LEU A 307 8.15 -14.44 -14.29
C LEU A 307 7.12 -15.22 -13.50
N VAL A 308 6.50 -16.22 -14.10
CA VAL A 308 5.42 -16.98 -13.50
C VAL A 308 5.92 -18.36 -13.15
N SER A 309 5.57 -18.83 -11.97
CA SER A 309 5.92 -20.14 -11.46
C SER A 309 4.70 -20.67 -10.71
N PRO A 310 4.64 -21.99 -10.43
CA PRO A 310 3.53 -22.49 -9.61
C PRO A 310 3.43 -21.79 -8.27
N GLU A 311 4.57 -21.46 -7.68
N GLU A 311 4.57 -21.51 -7.65
CA GLU A 311 4.55 -20.83 -6.36
CA GLU A 311 4.57 -20.80 -6.37
C GLU A 311 4.09 -19.38 -6.42
C GLU A 311 3.96 -19.42 -6.50
N ALA A 312 4.37 -18.67 -7.52
CA ALA A 312 3.81 -17.34 -7.70
C ALA A 312 2.30 -17.40 -7.83
N LEU A 313 1.81 -18.35 -8.61
CA LEU A 313 0.36 -18.44 -8.82
C LEU A 313 -0.38 -18.82 -7.55
N ASP A 314 0.20 -19.73 -6.77
CA ASP A 314 -0.43 -20.12 -5.51
C ASP A 314 -0.49 -18.95 -4.54
N LEU A 315 0.61 -18.20 -4.41
CA LEU A 315 0.61 -17.02 -3.57
C LEU A 315 -0.44 -16.03 -4.04
N LEU A 316 -0.45 -15.74 -5.35
CA LEU A 316 -1.39 -14.77 -5.88
C LEU A 316 -2.84 -15.18 -5.58
N ASP A 317 -3.14 -16.47 -5.78
CA ASP A 317 -4.48 -16.98 -5.56
C ASP A 317 -4.94 -16.76 -4.12
N LYS A 318 -4.01 -16.74 -3.18
CA LYS A 318 -4.28 -16.58 -1.76
C LYS A 318 -4.32 -15.12 -1.30
N LEU A 319 -3.95 -14.20 -2.17
CA LEU A 319 -4.02 -12.77 -1.92
C LEU A 319 -5.26 -12.16 -2.56
N LEU A 320 -5.47 -12.45 -3.85
CA LEU A 320 -6.59 -11.88 -4.62
C LEU A 320 -7.83 -12.77 -4.42
N ARG A 321 -8.38 -12.66 -3.20
N ARG A 321 -8.37 -12.70 -3.21
CA ARG A 321 -9.58 -13.34 -2.70
CA ARG A 321 -9.63 -13.34 -2.88
C ARG A 321 -10.60 -12.30 -2.33
C ARG A 321 -10.59 -12.25 -2.46
N TYR A 322 -11.88 -12.49 -2.70
CA TYR A 322 -12.90 -11.58 -2.22
C TYR A 322 -12.88 -11.48 -0.71
N ASP A 323 -12.86 -12.62 -0.04
CA ASP A 323 -13.04 -12.67 1.40
C ASP A 323 -11.78 -12.15 2.08
N HIS A 324 -11.87 -10.89 2.54
CA HIS A 324 -10.74 -10.19 3.14
C HIS A 324 -10.15 -10.98 4.29
N GLN A 325 -11.00 -11.63 5.08
N GLN A 325 -11.00 -11.74 5.03
CA GLN A 325 -10.55 -12.28 6.29
CA GLN A 325 -10.52 -12.59 6.13
C GLN A 325 -9.77 -13.55 6.01
C GLN A 325 -9.69 -13.76 5.64
N GLN A 326 -9.87 -14.07 4.77
N GLN A 326 -9.97 -14.27 4.44
CA GLN A 326 -9.17 -15.29 4.37
CA GLN A 326 -9.27 -15.44 3.95
C GLN A 326 -7.90 -15.02 3.55
C GLN A 326 -7.99 -15.09 3.21
N ARG A 327 -7.70 -13.81 3.02
CA ARG A 327 -6.44 -13.45 2.38
C ARG A 327 -5.30 -13.73 3.35
N LEU A 328 -4.14 -14.06 2.79
CA LEU A 328 -2.94 -14.14 3.61
C LEU A 328 -2.67 -12.82 4.30
N THR A 329 -2.19 -12.90 5.53
CA THR A 329 -1.58 -11.78 6.22
C THR A 329 -0.23 -11.48 5.55
N ALA A 330 0.34 -10.31 5.85
CA ALA A 330 1.66 -10.02 5.31
C ALA A 330 2.68 -11.06 5.74
N LYS A 331 2.62 -11.48 7.01
CA LYS A 331 3.54 -12.49 7.52
C LYS A 331 3.34 -13.84 6.84
N GLU A 332 2.09 -14.27 6.68
CA GLU A 332 1.84 -15.53 5.98
C GLU A 332 2.36 -15.48 4.54
N ALA A 333 2.19 -14.32 3.88
CA ALA A 333 2.74 -14.16 2.55
C ALA A 333 4.26 -14.28 2.56
N MET A 334 4.92 -13.62 3.52
CA MET A 334 6.38 -13.73 3.62
C MET A 334 6.85 -15.16 3.83
N GLU A 335 6.04 -15.99 4.50
N GLU A 335 6.04 -15.97 4.48
CA GLU A 335 6.41 -17.37 4.77
CA GLU A 335 6.36 -17.34 4.80
C GLU A 335 6.20 -18.29 3.58
C GLU A 335 6.05 -18.30 3.66
N HIS A 336 5.51 -17.82 2.55
CA HIS A 336 5.16 -18.67 1.43
C HIS A 336 6.41 -19.14 0.67
N PRO A 337 6.38 -20.35 0.12
CA PRO A 337 7.50 -20.84 -0.70
C PRO A 337 7.98 -19.91 -1.80
N TYR A 338 7.12 -19.05 -2.37
CA TYR A 338 7.59 -18.13 -3.40
C TYR A 338 8.82 -17.35 -2.95
N PHE A 339 8.91 -17.04 -1.65
CA PHE A 339 10.03 -16.23 -1.14
C PHE A 339 11.20 -17.06 -0.63
N TYR A 340 11.11 -18.38 -0.68
CA TYR A 340 12.24 -19.19 -0.20
C TYR A 340 13.55 -18.81 -0.91
N PRO A 341 13.59 -18.57 -2.22
CA PRO A 341 14.89 -18.17 -2.82
C PRO A 341 15.45 -16.89 -2.24
N VAL A 342 14.59 -15.96 -1.84
CA VAL A 342 15.03 -14.69 -1.26
C VAL A 342 15.62 -14.92 0.12
N VAL A 343 14.90 -15.68 0.96
CA VAL A 343 15.38 -15.98 2.30
C VAL A 343 16.70 -16.72 2.23
N LYS A 344 16.80 -17.70 1.32
CA LYS A 344 18.02 -18.49 1.21
C LYS A 344 19.19 -17.62 0.77
N GLU A 345 18.97 -16.71 -0.17
CA GLU A 345 20.04 -15.81 -0.57
C GLU A 345 20.38 -14.84 0.56
N GLN A 346 19.38 -14.45 1.36
CA GLN A 346 19.52 -13.54 2.48
C GLN A 346 20.40 -14.12 3.60
N SER A 347 20.66 -15.42 3.57
CA SER A 347 21.45 -16.09 4.60
C SER A 347 22.66 -16.81 4.06
N GLN A 348 22.63 -17.28 2.82
CA GLN A 348 23.75 -18.02 2.23
C GLN A 348 24.94 -17.09 2.02
#